data_5SC3
#
_entry.id   5SC3
#
_cell.length_a   30.890
_cell.length_b   82.054
_cell.length_c   32.255
_cell.angle_alpha   90.000
_cell.angle_beta   117.640
_cell.angle_gamma   90.000
#
_symmetry.space_group_name_H-M   'P 1 21 1'
#
loop_
_entity.id
_entity.type
_entity.pdbx_description
1 polymer 'CD44 antigen'
2 non-polymer N-[(1S)-1-cyclopropylethyl]-N,4-dimethyl-1,3-thiazole-5-carboxamide
3 non-polymer 'DIMETHYL SULFOXIDE'
4 non-polymer 1,2-ETHANEDIOL
5 water water
#
_entity_poly.entity_id   1
_entity_poly.type   'polypeptide(L)'
_entity_poly.pdbx_seq_one_letter_code
;MNQIDLNVTCRYAGVFHVEKNGRYSISRTEAADLCQAFNSTLPTMDQMKLALSKGFETCRYGFIEGNVVIPRIHPNAICA
ANHTGVYILVTSNTSHYDTYCFNASAPPEEDCTSVTDLPNSFDGPVTITIVNRDGTRYSKKGEYRTHQEDID
;
_entity_poly.pdbx_strand_id   A
#
# COMPACT_ATOMS: atom_id res chain seq x y z
N ASN A 2 -13.41 14.86 -8.88
CA ASN A 2 -12.18 14.15 -9.31
C ASN A 2 -11.41 13.80 -8.03
N GLN A 3 -11.68 12.63 -7.46
CA GLN A 3 -11.14 12.29 -6.15
C GLN A 3 -10.63 10.88 -6.07
N ILE A 4 -9.57 10.69 -5.27
CA ILE A 4 -9.02 9.36 -4.99
C ILE A 4 -8.82 9.24 -3.48
N ASP A 5 -9.33 8.17 -2.86
CA ASP A 5 -9.12 7.89 -1.43
C ASP A 5 -8.02 6.82 -1.37
N LEU A 6 -7.04 7.06 -0.51
CA LEU A 6 -5.95 6.08 -0.29
C LEU A 6 -5.99 5.69 1.17
N ASN A 7 -6.51 4.49 1.47
CA ASN A 7 -6.51 4.00 2.86
C ASN A 7 -5.14 3.40 3.15
N VAL A 8 -4.49 3.84 4.21
CA VAL A 8 -3.15 3.37 4.59
C VAL A 8 -3.12 2.77 6.00
N THR A 9 -2.11 1.96 6.26
CA THR A 9 -1.95 1.33 7.55
C THR A 9 -0.76 1.89 8.32
N CYS A 10 -0.56 1.34 9.54
CA CYS A 10 0.70 1.40 10.29
C CYS A 10 1.83 0.98 9.33
N ARG A 11 3.05 1.40 9.65
CA ARG A 11 4.24 0.92 8.95
C ARG A 11 4.91 -0.09 9.88
N TYR A 12 5.46 -1.15 9.31
CA TYR A 12 6.21 -2.17 10.07
C TYR A 12 7.54 -2.34 9.38
N ALA A 13 8.63 -1.90 10.03
CA ALA A 13 9.95 -1.87 9.36
C ALA A 13 9.86 -1.14 8.00
N GLY A 14 9.03 -0.07 7.99
CA GLY A 14 8.87 0.78 6.80
C GLY A 14 7.83 0.30 5.81
N VAL A 15 7.28 -0.91 5.97
CA VAL A 15 6.32 -1.44 5.02
C VAL A 15 4.89 -1.11 5.45
N PHE A 16 4.07 -0.72 4.48
CA PHE A 16 2.66 -0.42 4.73
C PHE A 16 1.79 -0.83 3.57
N HIS A 17 0.48 -0.90 3.81
CA HIS A 17 -0.51 -1.29 2.81
C HIS A 17 -1.29 -0.05 2.39
N VAL A 18 -1.64 0.03 1.09
CA VAL A 18 -2.44 1.12 0.51
C VAL A 18 -3.55 0.49 -0.30
N GLU A 19 -4.81 0.84 0.00
CA GLU A 19 -5.98 0.37 -0.73
C GLU A 19 -6.60 1.62 -1.36
N LYS A 20 -6.82 1.59 -2.67
CA LYS A 20 -7.38 2.72 -3.40
CA LYS A 20 -7.38 2.73 -3.38
C LYS A 20 -8.88 2.59 -3.56
N ASN A 21 -9.63 3.62 -3.16
CA ASN A 21 -11.08 3.69 -3.35
C ASN A 21 -11.84 2.49 -2.85
N GLY A 22 -11.37 1.88 -1.78
CA GLY A 22 -12.03 0.75 -1.14
C GLY A 22 -12.30 -0.45 -1.99
N ARG A 23 -11.50 -0.65 -3.06
CA ARG A 23 -11.63 -1.84 -3.89
CA ARG A 23 -11.66 -1.77 -4.00
C ARG A 23 -10.32 -2.15 -4.58
N TYR A 24 -10.12 -3.42 -5.01
CA TYR A 24 -8.89 -3.80 -5.73
C TYR A 24 -8.89 -3.02 -7.05
N SER A 25 -8.00 -2.07 -7.21
CA SER A 25 -8.08 -1.14 -8.34
C SER A 25 -6.77 -0.57 -8.80
N ILE A 26 -5.67 -1.13 -8.34
CA ILE A 26 -4.34 -0.63 -8.69
C ILE A 26 -3.61 -1.59 -9.64
N SER A 27 -3.07 -1.09 -10.74
CA SER A 27 -2.24 -1.93 -11.63
C SER A 27 -0.78 -1.94 -11.11
N ARG A 28 0.08 -2.85 -11.64
CA ARG A 28 1.48 -2.84 -11.20
C ARG A 28 2.16 -1.51 -11.53
N THR A 29 1.91 -0.92 -12.69
CA THR A 29 2.56 0.37 -13.00
C THR A 29 2.08 1.46 -12.07
N GLU A 30 0.78 1.48 -11.78
CA GLU A 30 0.24 2.47 -10.88
CA GLU A 30 0.27 2.48 -10.88
C GLU A 30 0.80 2.32 -9.47
N ALA A 31 1.00 1.07 -9.03
CA ALA A 31 1.51 0.80 -7.70
C ALA A 31 2.89 1.41 -7.49
N ALA A 32 3.81 1.27 -8.48
CA ALA A 32 5.14 1.87 -8.33
C ALA A 32 5.04 3.39 -8.23
N ASP A 33 4.17 3.99 -9.04
CA ASP A 33 3.98 5.43 -9.03
C ASP A 33 3.36 5.92 -7.73
N LEU A 34 2.43 5.14 -7.20
CA LEU A 34 1.76 5.49 -5.96
CA LEU A 34 1.74 5.47 -5.95
C LEU A 34 2.76 5.45 -4.82
N CYS A 35 3.57 4.38 -4.73
CA CYS A 35 4.59 4.33 -3.67
C CYS A 35 5.58 5.49 -3.80
N GLN A 36 5.94 5.85 -5.04
CA GLN A 36 6.85 6.99 -5.27
C GLN A 36 6.30 8.30 -4.70
N ALA A 37 4.96 8.48 -4.73
CA ALA A 37 4.36 9.67 -4.14
C ALA A 37 4.52 9.72 -2.62
N PHE A 38 4.67 8.57 -1.95
CA PHE A 38 4.93 8.51 -0.51
C PHE A 38 6.46 8.43 -0.25
N ASN A 39 7.31 8.83 -1.24
CA ASN A 39 8.78 8.71 -1.13
C ASN A 39 9.16 7.27 -0.75
N SER A 40 8.46 6.32 -1.39
CA SER A 40 8.59 4.90 -1.08
C SER A 40 8.72 4.09 -2.36
N THR A 41 8.98 2.80 -2.20
CA THR A 41 9.12 1.90 -3.33
C THR A 41 8.30 0.64 -3.05
N LEU A 42 8.14 -0.23 -4.08
CA LEU A 42 7.47 -1.51 -3.78
CA LEU A 42 7.48 -1.53 -3.81
C LEU A 42 8.43 -2.32 -2.91
N PRO A 43 7.96 -2.96 -1.83
CA PRO A 43 8.90 -3.71 -0.99
C PRO A 43 9.48 -4.90 -1.73
N THR A 44 10.71 -5.28 -1.36
CA THR A 44 11.25 -6.56 -1.82
C THR A 44 10.62 -7.64 -0.93
N MET A 45 10.66 -8.90 -1.36
CA MET A 45 10.19 -10.00 -0.53
C MET A 45 10.95 -10.03 0.84
N ASP A 46 12.28 -9.74 0.86
CA ASP A 46 12.99 -9.68 2.14
C ASP A 46 12.44 -8.57 3.03
N GLN A 47 12.20 -7.38 2.46
CA GLN A 47 11.64 -6.29 3.26
C GLN A 47 10.28 -6.67 3.85
N MET A 48 9.45 -7.36 3.04
CA MET A 48 8.10 -7.75 3.48
C MET A 48 8.21 -8.82 4.59
N LYS A 49 9.15 -9.75 4.45
CA LYS A 49 9.31 -10.78 5.50
C LYS A 49 9.74 -10.15 6.83
N LEU A 50 10.63 -9.12 6.79
CA LEU A 50 11.01 -8.48 8.04
C LEU A 50 9.80 -7.73 8.64
N ALA A 51 9.00 -7.07 7.79
CA ALA A 51 7.79 -6.37 8.27
C ALA A 51 6.83 -7.36 8.96
N LEU A 52 6.61 -8.52 8.33
CA LEU A 52 5.80 -9.60 8.89
CA LEU A 52 5.77 -9.54 8.91
C LEU A 52 6.30 -9.98 10.29
N SER A 53 7.63 -10.15 10.42
CA SER A 53 8.21 -10.55 11.71
C SER A 53 8.00 -9.49 12.81
N LYS A 54 7.81 -8.23 12.43
CA LYS A 54 7.55 -7.14 13.39
C LYS A 54 6.08 -6.96 13.73
N GLY A 55 5.16 -7.71 13.10
CA GLY A 55 3.75 -7.61 13.45
C GLY A 55 2.81 -7.26 12.31
N PHE A 56 3.33 -7.17 11.07
CA PHE A 56 2.48 -6.80 9.93
C PHE A 56 1.66 -7.94 9.38
N GLU A 57 0.34 -7.74 9.27
CA GLU A 57 -0.50 -8.66 8.52
C GLU A 57 -1.67 -7.90 7.95
N THR A 58 -2.17 -8.35 6.81
CA THR A 58 -3.41 -7.77 6.23
C THR A 58 -4.26 -8.94 5.75
N CYS A 59 -5.45 -8.64 5.22
CA CYS A 59 -6.29 -9.65 4.57
C CYS A 59 -6.57 -9.22 3.12
N ARG A 60 -5.59 -8.58 2.47
CA ARG A 60 -5.78 -8.07 1.11
C ARG A 60 -4.56 -8.36 0.26
N TYR A 61 -4.80 -8.74 -0.98
CA TYR A 61 -3.72 -8.92 -1.95
C TYR A 61 -3.12 -7.58 -2.33
N GLY A 62 -1.80 -7.51 -2.38
CA GLY A 62 -1.16 -6.27 -2.85
C GLY A 62 0.19 -6.55 -3.49
N PHE A 63 0.61 -5.66 -4.38
CA PHE A 63 1.90 -5.84 -5.05
C PHE A 63 3.05 -5.65 -4.11
N ILE A 64 4.10 -6.45 -4.33
CA ILE A 64 5.46 -6.20 -3.87
C ILE A 64 6.30 -6.31 -5.14
N GLU A 65 7.65 -6.16 -5.05
CA GLU A 65 8.48 -6.40 -6.23
CA GLU A 65 8.47 -6.36 -6.25
C GLU A 65 8.40 -7.86 -6.60
N GLY A 66 7.92 -8.14 -7.81
CA GLY A 66 7.90 -9.49 -8.35
C GLY A 66 6.67 -10.33 -8.13
N ASN A 67 5.86 -10.02 -7.12
CA ASN A 67 4.70 -10.86 -6.82
C ASN A 67 3.56 -10.05 -6.22
N VAL A 68 2.40 -10.71 -6.08
CA VAL A 68 1.23 -10.18 -5.38
C VAL A 68 1.04 -11.06 -4.15
N VAL A 69 0.99 -10.45 -2.94
CA VAL A 69 1.05 -11.22 -1.70
C VAL A 69 0.07 -10.75 -0.66
N ILE A 70 -0.10 -11.57 0.39
CA ILE A 70 -0.80 -11.21 1.60
C ILE A 70 0.11 -11.61 2.78
N PRO A 71 0.60 -10.68 3.62
CA PRO A 71 1.36 -11.10 4.82
C PRO A 71 0.36 -11.58 5.88
N ARG A 72 0.59 -12.79 6.42
CA ARG A 72 -0.27 -13.35 7.45
C ARG A 72 0.49 -13.80 8.68
N ILE A 73 -0.01 -13.44 9.85
CA ILE A 73 0.54 -13.92 11.11
C ILE A 73 -0.40 -14.97 11.65
N HIS A 74 -1.68 -14.61 11.83
CA HIS A 74 -2.65 -15.53 12.41
C HIS A 74 -3.43 -16.27 11.36
N PRO A 75 -3.61 -17.58 11.48
CA PRO A 75 -4.41 -18.28 10.47
C PRO A 75 -5.87 -17.84 10.55
N ASN A 76 -6.41 -17.45 9.40
CA ASN A 76 -7.79 -17.06 9.29
C ASN A 76 -8.31 -17.69 8.03
N ALA A 77 -9.41 -18.46 8.12
CA ALA A 77 -9.96 -19.18 6.98
C ALA A 77 -10.26 -18.35 5.73
N ILE A 78 -10.65 -17.10 5.91
CA ILE A 78 -10.98 -16.23 4.76
C ILE A 78 -9.84 -15.29 4.34
N CYS A 79 -8.64 -15.46 4.91
CA CYS A 79 -7.49 -14.63 4.56
C CYS A 79 -6.39 -15.55 4.12
N ALA A 80 -6.12 -15.57 2.81
CA ALA A 80 -5.06 -16.40 2.23
C ALA A 80 -5.24 -17.88 2.55
N ALA A 81 -6.47 -18.37 2.47
CA ALA A 81 -6.77 -19.80 2.68
C ALA A 81 -6.12 -20.39 3.96
N ASN A 82 -6.13 -19.61 5.07
CA ASN A 82 -5.64 -20.05 6.39
C ASN A 82 -4.12 -20.18 6.52
N HIS A 83 -3.38 -19.67 5.54
CA HIS A 83 -1.92 -19.74 5.57
C HIS A 83 -1.31 -18.67 6.47
N THR A 84 -0.10 -18.92 6.92
CA THR A 84 0.69 -17.94 7.65
C THR A 84 1.95 -17.66 6.80
N GLY A 85 2.66 -16.58 7.14
CA GLY A 85 3.84 -16.15 6.40
C GLY A 85 3.42 -15.21 5.28
N VAL A 86 4.36 -14.90 4.40
CA VAL A 86 4.03 -14.09 3.23
C VAL A 86 3.39 -15.02 2.20
N TYR A 87 2.08 -14.95 2.06
CA TYR A 87 1.35 -15.81 1.13
C TYR A 87 1.44 -15.22 -0.26
N ILE A 88 1.91 -16.02 -1.22
CA ILE A 88 2.04 -15.56 -2.59
C ILE A 88 0.85 -16.00 -3.46
N LEU A 89 0.25 -15.04 -4.15
CA LEU A 89 -0.83 -15.37 -5.09
C LEU A 89 -0.22 -16.12 -6.27
N VAL A 90 -0.80 -17.30 -6.62
CA VAL A 90 -0.25 -18.09 -7.71
C VAL A 90 -1.12 -17.99 -8.92
N THR A 91 -2.45 -18.17 -8.77
CA THR A 91 -3.30 -18.24 -9.92
C THR A 91 -4.41 -17.26 -9.83
N SER A 92 -4.47 -16.34 -10.83
CA SER A 92 -5.59 -15.38 -10.89
C SER A 92 -5.78 -14.98 -12.33
N ASN A 93 -7.02 -14.75 -12.74
CA ASN A 93 -7.27 -14.25 -14.11
C ASN A 93 -6.90 -12.78 -14.26
N THR A 94 -6.93 -12.03 -13.14
CA THR A 94 -7.04 -10.57 -13.13
C THR A 94 -5.80 -9.84 -12.68
N SER A 95 -5.72 -8.53 -13.00
CA SER A 95 -4.46 -7.79 -12.85
C SER A 95 -4.42 -6.69 -11.81
N HIS A 96 -5.57 -6.36 -11.16
CA HIS A 96 -5.64 -5.20 -10.27
C HIS A 96 -5.82 -5.57 -8.82
N TYR A 97 -4.95 -5.02 -7.96
CA TYR A 97 -4.93 -5.40 -6.54
C TYR A 97 -4.77 -4.12 -5.72
N ASP A 98 -4.42 -4.25 -4.44
CA ASP A 98 -3.99 -3.11 -3.63
C ASP A 98 -2.44 -3.06 -3.85
N THR A 99 -1.73 -2.23 -3.07
CA THR A 99 -0.26 -2.28 -3.09
C THR A 99 0.30 -2.24 -1.70
N TYR A 100 1.55 -2.71 -1.57
CA TYR A 100 2.40 -2.45 -0.42
C TYR A 100 3.42 -1.44 -0.88
N CYS A 101 3.95 -0.67 0.06
CA CYS A 101 4.98 0.34 -0.16
C CYS A 101 5.99 0.23 0.99
N PHE A 102 7.24 0.67 0.74
CA PHE A 102 8.34 0.62 1.70
C PHE A 102 9.01 1.97 1.78
N ASN A 103 9.02 2.58 2.98
CA ASN A 103 9.65 3.88 3.18
C ASN A 103 10.88 3.62 4.06
N ALA A 104 12.06 3.79 3.49
CA ALA A 104 13.30 3.52 4.18
C ALA A 104 13.55 4.36 5.39
N SER A 105 12.95 5.55 5.50
CA SER A 105 13.22 6.44 6.63
CA SER A 105 13.24 6.42 6.64
C SER A 105 12.27 6.26 7.80
N ALA A 106 11.31 5.31 7.70
CA ALA A 106 10.36 5.00 8.74
C ALA A 106 11.09 4.38 9.93
N PRO A 107 10.40 4.30 11.08
CA PRO A 107 11.02 3.63 12.26
C PRO A 107 11.26 2.13 11.97
N PRO A 108 12.20 1.51 12.70
CA PRO A 108 12.57 0.12 12.38
C PRO A 108 11.51 -0.93 12.69
N GLU A 109 10.61 -0.67 13.67
CA GLU A 109 9.69 -1.71 14.08
C GLU A 109 8.23 -1.26 13.82
N GLU A 110 7.30 -1.39 14.76
CA GLU A 110 5.92 -0.99 14.51
C GLU A 110 5.77 0.51 14.66
N ASP A 111 5.26 1.16 13.64
CA ASP A 111 4.94 2.57 13.68
C ASP A 111 3.44 2.73 13.33
N CYS A 112 2.64 2.85 14.39
CA CYS A 112 1.19 3.02 14.23
C CYS A 112 0.76 4.45 14.42
N THR A 113 1.67 5.41 14.15
CA THR A 113 1.24 6.80 14.04
C THR A 113 0.54 6.94 12.70
N SER A 114 -0.24 8.00 12.54
CA SER A 114 -0.95 8.27 11.29
C SER A 114 -0.05 8.93 10.22
N VAL A 115 -0.41 8.77 8.95
CA VAL A 115 0.30 9.38 7.84
C VAL A 115 -0.36 10.75 7.60
N THR A 116 0.47 11.80 7.57
CA THR A 116 -0.01 13.18 7.53
C THR A 116 0.45 13.95 6.30
N ASP A 117 0.99 13.27 5.27
CA ASP A 117 1.45 13.97 4.07
C ASP A 117 1.59 12.98 2.91
N LEU A 118 1.56 13.50 1.68
CA LEU A 118 1.82 12.74 0.45
C LEU A 118 2.90 13.58 -0.17
N PRO A 119 4.16 13.37 0.27
CA PRO A 119 5.20 14.35 0.02
C PRO A 119 5.73 14.47 -1.38
N ASN A 120 5.53 13.46 -2.20
CA ASN A 120 6.13 13.45 -3.53
C ASN A 120 5.15 13.27 -4.67
N SER A 121 3.90 13.69 -4.46
CA SER A 121 2.96 13.75 -5.58
C SER A 121 3.36 14.96 -6.45
N PHE A 122 2.84 15.00 -7.68
CA PHE A 122 3.19 16.10 -8.58
C PHE A 122 1.97 16.94 -8.86
N ASP A 123 2.14 18.03 -9.62
CA ASP A 123 1.02 18.91 -9.93
C ASP A 123 -0.05 18.17 -10.72
N GLY A 124 -1.29 18.43 -10.40
CA GLY A 124 -2.39 17.78 -11.10
C GLY A 124 -3.72 18.20 -10.56
N PRO A 125 -4.78 17.64 -11.13
CA PRO A 125 -6.14 18.10 -10.79
C PRO A 125 -6.94 17.28 -9.80
N VAL A 126 -6.40 16.16 -9.33
CA VAL A 126 -7.13 15.23 -8.48
C VAL A 126 -7.08 15.59 -7.02
N THR A 127 -8.20 15.52 -6.29
CA THR A 127 -8.17 15.68 -4.84
C THR A 127 -7.81 14.29 -4.26
N ILE A 128 -6.59 14.16 -3.76
CA ILE A 128 -6.14 12.89 -3.21
C ILE A 128 -6.26 12.95 -1.71
N THR A 129 -6.93 11.99 -1.12
CA THR A 129 -7.12 11.96 0.33
C THR A 129 -6.53 10.72 0.95
N ILE A 130 -5.57 10.90 1.85
CA ILE A 130 -5.01 9.79 2.62
CA ILE A 130 -5.00 9.81 2.61
C ILE A 130 -5.93 9.59 3.79
N VAL A 131 -6.41 8.36 3.95
CA VAL A 131 -7.31 7.98 5.03
C VAL A 131 -6.61 7.00 5.94
N ASN A 132 -6.40 7.40 7.20
CA ASN A 132 -5.83 6.52 8.19
C ASN A 132 -6.84 5.58 8.79
N ARG A 133 -6.38 4.51 9.43
CA ARG A 133 -7.25 3.56 10.05
CA ARG A 133 -7.28 3.57 10.06
C ARG A 133 -8.08 4.20 11.18
N ASP A 134 -7.50 5.23 11.86
CA ASP A 134 -8.22 5.95 12.89
C ASP A 134 -9.13 7.05 12.33
N GLY A 135 -9.28 7.12 11.00
CA GLY A 135 -10.20 8.06 10.36
C GLY A 135 -9.60 9.41 10.04
N THR A 136 -8.43 9.73 10.62
CA THR A 136 -7.81 11.03 10.35
C THR A 136 -7.41 11.09 8.89
N ARG A 137 -7.56 12.26 8.30
CA ARG A 137 -7.29 12.44 6.88
CA ARG A 137 -7.30 12.44 6.88
C ARG A 137 -6.35 13.57 6.53
N TYR A 138 -5.68 13.42 5.39
CA TYR A 138 -4.82 14.48 4.84
C TYR A 138 -5.23 14.55 3.37
N SER A 139 -5.53 15.74 2.85
CA SER A 139 -5.92 15.87 1.45
CA SER A 139 -5.94 15.89 1.46
C SER A 139 -5.07 16.89 0.74
N LYS A 140 -4.84 16.64 -0.54
CA LYS A 140 -4.10 17.59 -1.37
CA LYS A 140 -3.98 17.48 -1.37
C LYS A 140 -4.47 17.40 -2.82
N LYS A 141 -4.38 18.49 -3.57
CA LYS A 141 -4.67 18.47 -4.99
C LYS A 141 -3.37 18.08 -5.73
N GLY A 142 -3.44 17.09 -6.60
CA GLY A 142 -2.26 16.68 -7.35
C GLY A 142 -2.51 15.50 -8.26
N GLU A 143 -1.42 14.80 -8.56
CA GLU A 143 -1.48 13.56 -9.35
C GLU A 143 -0.25 12.73 -9.00
N TYR A 144 -0.35 11.41 -9.14
CA TYR A 144 0.79 10.51 -8.96
C TYR A 144 0.95 9.53 -10.14
N ARG A 145 -0.06 9.37 -10.97
CA ARG A 145 -0.04 8.41 -12.06
C ARG A 145 0.69 8.94 -13.26
N THR A 146 1.78 8.27 -13.66
CA THR A 146 2.58 8.67 -14.81
C THR A 146 2.22 7.93 -16.08
N HIS A 147 1.40 6.88 -16.01
CA HIS A 147 1.01 6.12 -17.21
C HIS A 147 -0.44 6.46 -17.56
N GLN A 148 -0.71 6.96 -18.78
CA GLN A 148 -2.07 7.34 -19.18
C GLN A 148 -3.10 6.22 -19.06
N GLU A 149 -2.72 4.96 -19.33
CA GLU A 149 -3.65 3.85 -19.21
C GLU A 149 -4.10 3.58 -17.78
N ASP A 150 -3.39 4.14 -16.78
CA ASP A 150 -3.83 4.04 -15.38
C ASP A 150 -4.83 5.17 -15.00
N ILE A 151 -5.04 6.16 -15.86
CA ILE A 151 -5.93 7.28 -15.58
C ILE A 151 -7.30 7.13 -16.25
#